data_7VTV
#
_entry.id   7VTV
#
_cell.length_a   75.986
_cell.length_b   131.724
_cell.length_c   101.456
_cell.angle_alpha   90.000
_cell.angle_beta   90.000
_cell.angle_gamma   90.000
#
_symmetry.space_group_name_H-M   'C 2 2 21'
#
loop_
_entity.id
_entity.type
_entity.pdbx_description
1 polymer "High affinity cAMP-specific and IBMX-insensitive 3',5'-cyclic phosphodiesterase 8A"
2 non-polymer 'ZINC ION'
3 non-polymer 'MAGNESIUM ION'
4 non-polymer 2-chloro-9-(3-(2,2-difluoroethoxy)-5-(difluoromethoxy)benzyl)-9H-purin-6-amine
5 water water
#
_entity_poly.entity_id   1
_entity_poly.type   'polypeptide(L)'
_entity_poly.pdbx_seq_one_letter_code
;DDVPPRIARAMENEEYWDFDIFELEAATHNRPLIYLGLKMFARFGICEFLHCSESTLRSWLQIIEANYHSSNPYHNSTHS
ADVLHATAYFLSKERIKETLDPIDEVAALIAATIHDVDHPGRTNSFLCNAGSELAILYNDTAVLESHHAALAFQLTTGDD
KCNIFKNMERNDYRTLRQGIIDMVLATEMTKHFEHVNKFVNSINKPLATLEENGETDKNQEVINTMLRTPENRTLIKRML
IKCADVSNPCRPLQYCIEWAARISEEYFSQTDEEKQQGLPVVMPVFDRNTCSIPKSQISFIDYFITDMFDAWDAFVDLPD
LMQHLDNNFKYWKGLDEM
;
_entity_poly.pdbx_strand_id   A
#
loop_
_chem_comp.id
_chem_comp.type
_chem_comp.name
_chem_comp.formula
7ZZ non-polymer 2-chloro-9-(3-(2,2-difluoroethoxy)-5-(difluoromethoxy)benzyl)-9H-purin-6-amine 'C15 H12 Cl F4 N5 O2'
MG non-polymer 'MAGNESIUM ION' 'Mg 2'
ZN non-polymer 'ZINC ION' 'Zn 2'
#
# COMPACT_ATOMS: atom_id res chain seq x y z
N ASP A 1 -7.70 -9.81 -21.80
CA ASP A 1 -7.86 -9.92 -23.28
C ASP A 1 -9.28 -9.53 -23.70
N ASP A 2 -10.27 -10.31 -23.23
CA ASP A 2 -11.67 -10.09 -23.53
C ASP A 2 -12.34 -9.46 -22.31
N VAL A 3 -11.92 -8.24 -22.00
CA VAL A 3 -12.44 -7.48 -20.86
C VAL A 3 -13.79 -6.87 -21.29
N PRO A 4 -14.82 -6.95 -20.43
CA PRO A 4 -16.10 -6.31 -20.78
C PRO A 4 -16.03 -4.77 -20.77
N PRO A 5 -16.98 -4.10 -21.45
CA PRO A 5 -16.86 -2.66 -21.70
C PRO A 5 -16.88 -1.75 -20.46
N ARG A 6 -17.74 -2.03 -19.48
CA ARG A 6 -17.79 -1.26 -18.24
C ARG A 6 -16.44 -1.28 -17.54
N ILE A 7 -15.92 -2.49 -17.31
CA ILE A 7 -14.65 -2.68 -16.62
C ILE A 7 -13.48 -2.14 -17.48
N ALA A 8 -13.59 -2.26 -18.80
CA ALA A 8 -12.61 -1.69 -19.73
C ALA A 8 -12.59 -0.16 -19.70
N ARG A 9 -13.78 0.46 -19.68
CA ARG A 9 -13.89 1.92 -19.58
C ARG A 9 -13.46 2.45 -18.22
N ALA A 10 -13.72 1.66 -17.17
CA ALA A 10 -13.30 2.00 -15.81
C ALA A 10 -11.77 2.05 -15.65
N MET A 11 -11.05 1.26 -16.45
CA MET A 11 -9.58 1.26 -16.44
C MET A 11 -8.98 1.99 -17.64
N GLU A 12 -9.54 3.16 -17.99
CA GLU A 12 -9.03 3.95 -19.12
C GLU A 12 -7.72 4.66 -18.75
N ASN A 13 -7.80 5.60 -17.79
CA ASN A 13 -6.66 6.42 -17.38
C ASN A 13 -6.01 5.90 -16.10
N GLU A 14 -5.58 4.64 -16.13
CA GLU A 14 -4.91 4.00 -14.98
C GLU A 14 -3.49 4.50 -14.70
N GLU A 15 -2.85 5.15 -15.68
CA GLU A 15 -1.54 5.77 -15.48
C GLU A 15 -1.67 7.03 -14.64
N TYR A 16 -2.81 7.72 -14.77
CA TYR A 16 -3.03 9.00 -14.11
C TYR A 16 -3.33 8.82 -12.62
N TRP A 17 -3.01 9.85 -11.83
CA TRP A 17 -3.30 9.84 -10.40
C TRP A 17 -4.81 9.90 -10.14
N ASP A 18 -5.50 10.75 -10.92
CA ASP A 18 -6.95 10.84 -10.86
C ASP A 18 -7.52 9.60 -11.54
N PHE A 19 -8.10 8.71 -10.72
CA PHE A 19 -8.60 7.42 -11.19
C PHE A 19 -9.78 6.97 -10.34
N ASP A 20 -10.90 6.68 -10.99
CA ASP A 20 -12.15 6.32 -10.30
C ASP A 20 -12.10 4.84 -9.89
N ILE A 21 -11.55 4.59 -8.71
CA ILE A 21 -11.36 3.24 -8.18
C ILE A 21 -12.68 2.57 -7.76
N PHE A 22 -13.66 3.38 -7.35
CA PHE A 22 -14.96 2.85 -6.88
C PHE A 22 -15.90 2.52 -8.04
N GLU A 23 -15.77 3.25 -9.15
CA GLU A 23 -16.43 2.88 -10.40
C GLU A 23 -15.91 1.51 -10.90
N LEU A 24 -14.61 1.25 -10.73
CA LEU A 24 -14.04 -0.06 -11.05
C LEU A 24 -14.54 -1.15 -10.11
N GLU A 25 -14.61 -0.84 -8.81
CA GLU A 25 -15.22 -1.71 -7.80
C GLU A 25 -16.66 -2.06 -8.13
N ALA A 26 -17.45 -1.04 -8.49
CA ALA A 26 -18.85 -1.22 -8.89
C ALA A 26 -18.96 -1.98 -10.21
N ALA A 27 -18.06 -1.70 -11.15
CA ALA A 27 -18.02 -2.38 -12.43
C ALA A 27 -17.68 -3.86 -12.31
N THR A 28 -16.64 -4.15 -11.52
CA THR A 28 -16.14 -5.51 -11.37
C THR A 28 -16.93 -6.37 -10.37
N HIS A 29 -17.84 -5.75 -9.61
CA HIS A 29 -18.65 -6.44 -8.58
C HIS A 29 -17.78 -6.97 -7.45
N ASN A 30 -17.03 -6.05 -6.84
CA ASN A 30 -16.06 -6.35 -5.80
C ASN A 30 -15.01 -7.36 -6.27
N ARG A 31 -14.52 -7.12 -7.50
CA ARG A 31 -13.39 -7.87 -8.06
C ARG A 31 -12.41 -6.92 -8.81
N PRO A 32 -12.06 -5.78 -8.20
CA PRO A 32 -11.16 -4.82 -8.88
C PRO A 32 -9.69 -5.27 -8.99
N LEU A 33 -9.23 -6.08 -8.05
CA LEU A 33 -7.82 -6.48 -7.99
C LEU A 33 -7.40 -7.39 -9.16
N ILE A 34 -8.28 -8.29 -9.58
CA ILE A 34 -7.99 -9.18 -10.72
C ILE A 34 -7.89 -8.43 -12.06
N TYR A 35 -8.83 -7.51 -12.31
CA TYR A 35 -8.83 -6.74 -13.57
C TYR A 35 -7.73 -5.68 -13.61
N LEU A 36 -7.61 -4.91 -12.54
CA LEU A 36 -6.54 -3.91 -12.41
C LEU A 36 -5.15 -4.55 -12.27
N GLY A 37 -5.08 -5.75 -11.68
CA GLY A 37 -3.85 -6.52 -11.59
C GLY A 37 -3.33 -6.97 -12.95
N LEU A 38 -4.22 -7.55 -13.76
CA LEU A 38 -3.86 -8.06 -15.09
C LEU A 38 -3.31 -6.98 -16.02
N LYS A 39 -3.92 -5.80 -16.00
CA LYS A 39 -3.44 -4.68 -16.82
C LYS A 39 -2.06 -4.19 -16.37
N MET A 40 -1.93 -3.95 -15.06
CA MET A 40 -0.68 -3.43 -14.48
C MET A 40 0.47 -4.42 -14.59
N PHE A 41 0.21 -5.69 -14.32
CA PHE A 41 1.23 -6.75 -14.43
C PHE A 41 1.68 -6.94 -15.88
N ALA A 42 0.74 -6.79 -16.81
CA ALA A 42 1.04 -6.78 -18.25
C ALA A 42 1.81 -5.53 -18.68
N ARG A 43 1.39 -4.37 -18.16
CA ARG A 43 2.03 -3.08 -18.47
C ARG A 43 3.48 -3.02 -17.99
N PHE A 44 3.74 -3.59 -16.81
CA PHE A 44 5.10 -3.73 -16.28
C PHE A 44 5.84 -4.95 -16.86
N GLY A 45 5.10 -5.99 -17.24
CA GLY A 45 5.67 -7.20 -17.82
C GLY A 45 6.20 -8.09 -16.72
N ILE A 46 5.32 -8.42 -15.78
CA ILE A 46 5.71 -9.12 -14.56
C ILE A 46 5.84 -10.63 -14.79
N CYS A 47 4.89 -11.23 -15.49
CA CYS A 47 5.00 -12.65 -15.86
C CYS A 47 6.06 -12.91 -16.94
N GLU A 48 6.39 -11.88 -17.71
CA GLU A 48 7.51 -11.93 -18.67
C GLU A 48 8.84 -12.05 -17.90
N PHE A 49 8.94 -11.32 -16.79
CA PHE A 49 10.09 -11.39 -15.87
C PHE A 49 10.09 -12.70 -15.08
N LEU A 50 8.96 -13.03 -14.48
CA LEU A 50 8.82 -14.23 -13.64
C LEU A 50 8.75 -15.55 -14.42
N HIS A 51 8.49 -15.49 -15.73
CA HIS A 51 8.33 -16.65 -16.60
C HIS A 51 7.08 -17.49 -16.27
N CYS A 52 6.03 -16.84 -15.77
CA CYS A 52 4.71 -17.45 -15.63
C CYS A 52 3.87 -17.15 -16.87
N SER A 53 2.79 -17.93 -17.03
CA SER A 53 1.82 -17.70 -18.10
C SER A 53 0.76 -16.70 -17.62
N GLU A 54 -0.04 -16.23 -18.58
CA GLU A 54 -1.19 -15.36 -18.30
C GLU A 54 -2.26 -16.08 -17.49
N SER A 55 -2.40 -17.39 -17.72
CA SER A 55 -3.39 -18.23 -17.01
C SER A 55 -3.02 -18.47 -15.55
N THR A 56 -1.72 -18.59 -15.26
CA THR A 56 -1.21 -18.70 -13.88
C THR A 56 -1.42 -17.40 -13.09
N LEU A 57 -1.29 -16.26 -13.76
CA LEU A 57 -1.54 -14.95 -13.15
C LEU A 57 -3.01 -14.71 -12.80
N ARG A 58 -3.92 -15.12 -13.69
CA ARG A 58 -5.36 -15.02 -13.44
C ARG A 58 -5.80 -15.82 -12.21
N SER A 59 -5.34 -17.07 -12.14
CA SER A 59 -5.59 -17.93 -10.97
C SER A 59 -4.99 -17.35 -9.69
N TRP A 60 -3.82 -16.72 -9.81
CA TRP A 60 -3.13 -16.12 -8.66
C TRP A 60 -3.87 -14.89 -8.10
N LEU A 61 -4.29 -14.00 -8.99
CA LEU A 61 -5.08 -12.82 -8.59
C LEU A 61 -6.49 -13.18 -8.10
N GLN A 62 -7.02 -14.31 -8.54
CA GLN A 62 -8.33 -14.80 -8.09
C GLN A 62 -8.28 -15.27 -6.62
N ILE A 63 -7.37 -16.19 -6.32
CA ILE A 63 -7.30 -16.80 -4.97
C ILE A 63 -6.93 -15.78 -3.88
N ILE A 64 -6.12 -14.78 -4.22
CA ILE A 64 -5.79 -13.69 -3.30
C ILE A 64 -6.97 -12.76 -3.10
N GLU A 65 -7.61 -12.35 -4.19
CA GLU A 65 -8.83 -11.52 -4.13
C GLU A 65 -9.99 -12.20 -3.40
N ALA A 66 -10.09 -13.53 -3.53
CA ALA A 66 -11.07 -14.31 -2.78
C ALA A 66 -10.88 -14.17 -1.28
N ASN A 67 -9.62 -14.20 -0.83
CA ASN A 67 -9.28 -14.08 0.60
C ASN A 67 -9.42 -12.66 1.17
N TYR A 68 -9.60 -11.65 0.31
CA TYR A 68 -10.03 -10.32 0.77
C TYR A 68 -11.53 -10.33 1.10
N HIS A 69 -11.87 -9.94 2.33
CA HIS A 69 -13.26 -10.01 2.81
C HIS A 69 -14.07 -8.83 2.25
N SER A 70 -15.18 -9.14 1.56
CA SER A 70 -16.09 -8.09 1.05
C SER A 70 -16.82 -7.33 2.17
N SER A 71 -17.09 -8.01 3.28
CA SER A 71 -17.75 -7.43 4.45
C SER A 71 -16.95 -6.32 5.13
N ASN A 72 -15.61 -6.36 5.05
CA ASN A 72 -14.75 -5.28 5.54
C ASN A 72 -15.04 -3.99 4.75
N PRO A 73 -15.39 -2.88 5.44
CA PRO A 73 -15.62 -1.63 4.71
C PRO A 73 -14.37 -1.12 3.99
N TYR A 74 -13.26 -0.96 4.72
CA TYR A 74 -12.02 -0.44 4.16
C TYR A 74 -11.12 -1.58 3.67
N HIS A 75 -10.69 -2.44 4.58
CA HIS A 75 -9.66 -3.46 4.28
C HIS A 75 -10.24 -4.63 3.48
N ASN A 76 -10.47 -4.37 2.20
CA ASN A 76 -10.98 -5.37 1.24
C ASN A 76 -10.11 -5.32 -0.02
N SER A 77 -10.52 -6.00 -1.09
CA SER A 77 -9.75 -6.03 -2.35
C SER A 77 -9.62 -4.66 -3.02
N THR A 78 -10.65 -3.82 -2.91
CA THR A 78 -10.65 -2.47 -3.49
C THR A 78 -9.60 -1.53 -2.85
N HIS A 79 -9.34 -1.73 -1.56
CA HIS A 79 -8.23 -1.05 -0.90
C HIS A 79 -6.88 -1.46 -1.51
N SER A 80 -6.67 -2.76 -1.67
CA SER A 80 -5.45 -3.28 -2.29
C SER A 80 -5.29 -2.87 -3.75
N ALA A 81 -6.41 -2.82 -4.49
CA ALA A 81 -6.43 -2.28 -5.85
C ALA A 81 -6.01 -0.81 -5.88
N ASP A 82 -6.47 -0.03 -4.88
CA ASP A 82 -6.06 1.36 -4.71
C ASP A 82 -4.58 1.48 -4.37
N VAL A 83 -4.11 0.65 -3.44
CA VAL A 83 -2.69 0.62 -3.04
C VAL A 83 -1.80 0.13 -4.20
N LEU A 84 -2.28 -0.85 -4.96
CA LEU A 84 -1.63 -1.31 -6.19
C LEU A 84 -1.48 -0.19 -7.21
N HIS A 85 -2.54 0.60 -7.36
CA HIS A 85 -2.56 1.72 -8.30
C HIS A 85 -1.60 2.83 -7.91
N ALA A 86 -1.54 3.15 -6.62
CA ALA A 86 -0.59 4.14 -6.08
C ALA A 86 0.86 3.68 -6.18
N THR A 87 1.10 2.38 -5.94
CA THR A 87 2.41 1.76 -6.06
C THR A 87 2.95 1.86 -7.48
N ALA A 88 2.14 1.44 -8.46
CA ALA A 88 2.49 1.53 -9.88
C ALA A 88 2.81 2.95 -10.33
N TYR A 89 2.00 3.91 -9.87
CA TYR A 89 2.20 5.33 -10.15
C TYR A 89 3.58 5.79 -9.66
N PHE A 90 3.95 5.40 -8.43
CA PHE A 90 5.26 5.76 -7.87
C PHE A 90 6.40 5.09 -8.61
N LEU A 91 6.22 3.82 -8.98
CA LEU A 91 7.20 3.10 -9.81
C LEU A 91 7.40 3.75 -11.17
N SER A 92 6.31 4.24 -11.76
CA SER A 92 6.34 4.93 -13.06
C SER A 92 7.08 6.28 -13.05
N LYS A 93 7.19 6.93 -11.89
CA LYS A 93 7.91 8.20 -11.77
C LYS A 93 9.41 8.03 -12.05
N GLU A 94 10.02 9.12 -12.54
CA GLU A 94 11.41 9.09 -13.04
C GLU A 94 12.43 8.77 -11.95
N ARG A 95 12.32 9.42 -10.80
CA ARG A 95 13.21 9.17 -9.66
C ARG A 95 13.27 7.70 -9.27
N ILE A 96 12.11 7.06 -9.18
CA ILE A 96 12.01 5.65 -8.80
C ILE A 96 12.46 4.74 -9.97
N LYS A 97 12.16 5.15 -11.20
CA LYS A 97 12.60 4.42 -12.39
C LYS A 97 14.13 4.34 -12.49
N GLU A 98 14.79 5.47 -12.25
CA GLU A 98 16.26 5.57 -12.35
C GLU A 98 17.02 5.27 -11.03
N THR A 99 16.33 4.69 -10.04
CA THR A 99 16.95 4.27 -8.77
C THR A 99 16.80 2.76 -8.58
N LEU A 100 15.56 2.29 -8.53
CA LEU A 100 15.27 0.87 -8.29
C LEU A 100 15.46 0.03 -9.57
N ASP A 101 15.76 -1.25 -9.36
CA ASP A 101 15.93 -2.22 -10.45
C ASP A 101 14.60 -2.92 -10.77
N PRO A 102 14.51 -3.63 -11.93
CA PRO A 102 13.33 -4.44 -12.29
C PRO A 102 12.80 -5.40 -11.22
N ILE A 103 13.70 -6.04 -10.46
CA ILE A 103 13.28 -6.96 -9.39
C ILE A 103 12.52 -6.25 -8.26
N ASP A 104 12.86 -4.98 -8.02
CA ASP A 104 12.20 -4.16 -7.00
C ASP A 104 10.79 -3.77 -7.43
N GLU A 105 10.64 -3.40 -8.70
CA GLU A 105 9.33 -3.09 -9.30
C GLU A 105 8.34 -4.24 -9.19
N VAL A 106 8.84 -5.46 -9.37
CA VAL A 106 8.03 -6.68 -9.26
C VAL A 106 7.68 -6.92 -7.79
N ALA A 107 8.65 -6.72 -6.90
CA ALA A 107 8.44 -6.85 -5.46
C ALA A 107 7.43 -5.84 -4.94
N ALA A 108 7.48 -4.62 -5.47
CA ALA A 108 6.55 -3.55 -5.08
C ALA A 108 5.12 -3.86 -5.50
N LEU A 109 4.94 -4.21 -6.77
CA LEU A 109 3.60 -4.51 -7.30
C LEU A 109 3.00 -5.75 -6.66
N ILE A 110 3.81 -6.78 -6.43
CA ILE A 110 3.36 -7.99 -5.72
C ILE A 110 3.06 -7.69 -4.25
N ALA A 111 3.91 -6.90 -3.59
CA ALA A 111 3.70 -6.54 -2.19
C ALA A 111 2.40 -5.76 -1.99
N ALA A 112 2.14 -4.79 -2.87
CA ALA A 112 0.90 -4.00 -2.84
C ALA A 112 -0.37 -4.85 -3.00
N THR A 113 -0.30 -5.89 -3.82
CA THR A 113 -1.43 -6.79 -4.05
C THR A 113 -1.79 -7.57 -2.78
N ILE A 114 -0.77 -8.13 -2.14
CA ILE A 114 -0.96 -9.05 -0.99
C ILE A 114 -0.99 -8.40 0.41
N HIS A 115 -0.46 -7.18 0.55
CA HIS A 115 -0.14 -6.60 1.87
C HIS A 115 -1.22 -6.62 2.98
N ASP A 116 -2.50 -6.74 2.63
CA ASP A 116 -3.60 -6.89 3.60
C ASP A 116 -4.51 -8.08 3.30
N VAL A 117 -3.96 -9.17 2.75
CA VAL A 117 -4.78 -10.35 2.42
C VAL A 117 -5.24 -11.06 3.69
N ASP A 118 -6.54 -11.41 3.71
CA ASP A 118 -7.20 -12.00 4.88
C ASP A 118 -7.13 -11.07 6.12
N HIS A 119 -7.43 -9.79 5.91
CA HIS A 119 -7.54 -8.81 7.00
C HIS A 119 -8.91 -9.00 7.65
N PRO A 120 -8.97 -9.12 9.00
CA PRO A 120 -10.26 -9.33 9.67
C PRO A 120 -11.00 -8.03 10.07
N GLY A 121 -10.75 -6.94 9.37
CA GLY A 121 -11.27 -5.62 9.73
C GLY A 121 -10.91 -5.12 11.13
N ARG A 122 -9.84 -5.67 11.70
CA ARG A 122 -9.47 -5.45 13.11
C ARG A 122 -7.96 -5.25 13.22
N THR A 123 -7.55 -4.40 14.16
CA THR A 123 -6.13 -4.06 14.36
C THR A 123 -5.37 -5.16 15.10
N ASN A 124 -4.03 -5.06 15.09
CA ASN A 124 -3.15 -6.00 15.81
C ASN A 124 -3.48 -6.05 17.30
N SER A 125 -3.57 -4.88 17.94
CA SER A 125 -3.83 -4.80 19.39
C SER A 125 -5.17 -5.41 19.83
N PHE A 126 -6.18 -5.36 18.96
CA PHE A 126 -7.45 -6.06 19.19
C PHE A 126 -7.26 -7.57 19.27
N LEU A 127 -6.44 -8.10 18.37
CA LEU A 127 -6.19 -9.54 18.30
C LEU A 127 -5.34 -10.01 19.49
N CYS A 128 -4.35 -9.20 19.88
CA CYS A 128 -3.52 -9.49 21.06
C CYS A 128 -4.32 -9.50 22.36
N ASN A 129 -5.17 -8.49 22.54
CA ASN A 129 -6.08 -8.43 23.69
C ASN A 129 -7.12 -9.55 23.68
N ALA A 130 -7.71 -9.81 22.50
CA ALA A 130 -8.72 -10.86 22.35
C ALA A 130 -8.17 -12.30 22.47
N GLY A 131 -6.85 -12.47 22.34
CA GLY A 131 -6.22 -13.78 22.39
C GLY A 131 -6.54 -14.59 21.14
N SER A 132 -6.41 -13.92 19.98
CA SER A 132 -6.81 -14.51 18.70
C SER A 132 -5.81 -15.58 18.26
N GLU A 133 -6.26 -16.49 17.41
CA GLU A 133 -5.41 -17.57 16.87
C GLU A 133 -4.12 -17.04 16.25
N LEU A 134 -4.25 -15.95 15.50
CA LEU A 134 -3.11 -15.33 14.81
C LEU A 134 -2.22 -14.54 15.77
N ALA A 135 -2.81 -13.91 16.78
CA ALA A 135 -2.06 -13.22 17.84
C ALA A 135 -1.23 -14.18 18.70
N ILE A 136 -1.79 -15.37 18.96
CA ILE A 136 -1.05 -16.46 19.61
C ILE A 136 0.01 -17.03 18.65
N LEU A 137 -0.37 -17.16 17.38
CA LEU A 137 0.55 -17.69 16.33
C LEU A 137 1.78 -16.83 16.10
N TYR A 138 1.62 -15.51 16.06
CA TYR A 138 2.75 -14.58 15.82
C TYR A 138 3.24 -13.87 17.09
N ASN A 139 2.78 -14.32 18.25
CA ASN A 139 3.32 -13.88 19.55
C ASN A 139 3.19 -12.37 19.80
N ASP A 140 2.04 -11.82 19.41
CA ASP A 140 1.72 -10.39 19.61
C ASP A 140 2.75 -9.43 19.00
N THR A 141 3.32 -9.82 17.86
CA THR A 141 4.35 -9.05 17.18
C THR A 141 4.12 -9.17 15.68
N ALA A 142 3.72 -8.06 15.04
CA ALA A 142 3.43 -8.00 13.61
C ALA A 142 2.44 -9.09 13.20
N VAL A 143 1.32 -9.15 13.92
CA VAL A 143 0.38 -10.27 13.84
C VAL A 143 -0.28 -10.32 12.46
N LEU A 144 -0.91 -9.22 12.09
CA LEU A 144 -1.55 -9.11 10.78
C LEU A 144 -0.53 -9.12 9.65
N GLU A 145 0.54 -8.32 9.81
CA GLU A 145 1.54 -8.11 8.76
C GLU A 145 2.25 -9.41 8.36
N SER A 146 2.57 -10.23 9.36
CA SER A 146 3.17 -11.55 9.11
C SER A 146 2.16 -12.52 8.50
N HIS A 147 0.93 -12.51 9.01
CA HIS A 147 -0.14 -13.36 8.47
C HIS A 147 -0.44 -13.10 7.00
N HIS A 148 -0.42 -11.83 6.59
CA HIS A 148 -0.68 -11.46 5.19
C HIS A 148 0.35 -12.11 4.28
N ALA A 149 1.63 -11.83 4.55
CA ALA A 149 2.74 -12.33 3.74
C ALA A 149 2.84 -13.86 3.77
N ALA A 150 2.75 -14.44 4.97
CA ALA A 150 2.78 -15.91 5.14
C ALA A 150 1.69 -16.60 4.33
N LEU A 151 0.43 -16.21 4.55
CA LEU A 151 -0.71 -16.75 3.81
C LEU A 151 -0.56 -16.53 2.31
N ALA A 152 -0.16 -15.31 1.92
CA ALA A 152 0.02 -14.95 0.51
C ALA A 152 0.96 -15.91 -0.24
N PHE A 153 1.99 -16.40 0.45
CA PHE A 153 2.91 -17.41 -0.11
C PHE A 153 2.41 -18.84 0.05
N GLN A 154 1.65 -19.12 1.12
CA GLN A 154 0.96 -20.41 1.28
C GLN A 154 -0.03 -20.68 0.14
N LEU A 155 -0.79 -19.64 -0.23
CA LEU A 155 -1.74 -19.72 -1.35
C LEU A 155 -1.02 -19.82 -2.70
N THR A 156 0.01 -18.99 -2.89
CA THR A 156 0.77 -18.95 -4.15
C THR A 156 1.47 -20.27 -4.46
N THR A 157 2.46 -20.63 -3.66
CA THR A 157 3.34 -21.76 -3.96
C THR A 157 2.72 -23.13 -3.63
N GLY A 158 1.94 -23.19 -2.56
CA GLY A 158 1.28 -24.43 -2.12
C GLY A 158 0.45 -25.15 -3.16
N ASP A 159 -0.14 -24.40 -4.09
CA ASP A 159 -0.87 -24.94 -5.24
C ASP A 159 -0.11 -24.64 -6.51
N ASP A 160 -0.06 -25.61 -7.44
CA ASP A 160 0.68 -25.46 -8.70
C ASP A 160 0.02 -24.48 -9.66
N LYS A 161 -1.32 -24.44 -9.65
CA LYS A 161 -2.09 -23.56 -10.54
C LYS A 161 -1.90 -22.08 -10.23
N CYS A 162 -1.68 -21.75 -8.96
CA CYS A 162 -1.50 -20.36 -8.50
C CYS A 162 -0.05 -19.89 -8.48
N ASN A 163 0.90 -20.82 -8.50
CA ASN A 163 2.32 -20.52 -8.31
C ASN A 163 2.92 -19.70 -9.46
N ILE A 164 2.88 -18.38 -9.32
CA ILE A 164 3.56 -17.46 -10.26
C ILE A 164 5.09 -17.45 -10.15
N PHE A 165 5.62 -18.00 -9.06
CA PHE A 165 7.07 -18.10 -8.84
C PHE A 165 7.69 -19.46 -9.26
N LYS A 166 6.90 -20.33 -9.89
CA LYS A 166 7.31 -21.71 -10.20
C LYS A 166 8.51 -21.79 -11.16
N ASN A 167 8.48 -20.96 -12.21
CA ASN A 167 9.51 -20.96 -13.25
C ASN A 167 10.74 -20.08 -12.95
N MET A 168 10.79 -19.47 -11.76
CA MET A 168 11.93 -18.65 -11.36
C MET A 168 13.17 -19.49 -11.04
N GLU A 169 14.32 -18.82 -11.02
CA GLU A 169 15.55 -19.40 -10.53
C GLU A 169 15.61 -19.19 -9.01
N ARG A 170 16.05 -20.23 -8.29
CA ARG A 170 16.06 -20.22 -6.81
C ARG A 170 16.78 -19.01 -6.18
N ASN A 171 17.87 -18.57 -6.82
CA ASN A 171 18.61 -17.40 -6.34
C ASN A 171 17.82 -16.10 -6.51
N ASP A 172 17.16 -15.94 -7.66
CA ASP A 172 16.33 -14.75 -7.95
C ASP A 172 15.06 -14.69 -7.09
N TYR A 173 14.40 -15.84 -6.94
CA TYR A 173 13.19 -15.94 -6.11
C TYR A 173 13.49 -15.66 -4.64
N ARG A 174 14.62 -16.18 -4.15
CA ARG A 174 15.07 -15.93 -2.78
C ARG A 174 15.24 -14.44 -2.47
N THR A 175 15.76 -13.68 -3.44
CA THR A 175 15.87 -12.23 -3.34
C THR A 175 14.48 -11.61 -3.36
N LEU A 176 13.69 -11.95 -4.37
CA LEU A 176 12.33 -11.41 -4.56
C LEU A 176 11.39 -11.70 -3.39
N ARG A 177 11.48 -12.91 -2.84
CA ARG A 177 10.70 -13.30 -1.66
C ARG A 177 11.04 -12.41 -0.47
N GLN A 178 12.33 -12.30 -0.18
CA GLN A 178 12.85 -11.45 0.91
C GLN A 178 12.44 -9.98 0.73
N GLY A 179 12.45 -9.49 -0.51
CA GLY A 179 12.02 -8.12 -0.83
C GLY A 179 10.55 -7.87 -0.60
N ILE A 180 9.71 -8.81 -1.03
CA ILE A 180 8.25 -8.73 -0.82
C ILE A 180 7.91 -8.78 0.67
N ILE A 181 8.46 -9.76 1.38
CA ILE A 181 8.29 -9.91 2.84
C ILE A 181 8.60 -8.60 3.57
N ASP A 182 9.74 -8.00 3.23
CA ASP A 182 10.17 -6.74 3.84
C ASP A 182 9.17 -5.61 3.55
N MET A 183 8.71 -5.51 2.31
CA MET A 183 7.74 -4.49 1.92
C MET A 183 6.36 -4.68 2.56
N VAL A 184 5.93 -5.93 2.71
CA VAL A 184 4.68 -6.24 3.42
C VAL A 184 4.78 -5.97 4.93
N LEU A 185 5.89 -6.40 5.55
CA LEU A 185 6.11 -6.16 6.99
C LEU A 185 6.36 -4.68 7.33
N ALA A 186 6.86 -3.91 6.38
CA ALA A 186 7.11 -2.47 6.55
C ALA A 186 5.84 -1.62 6.72
N THR A 187 4.68 -2.18 6.40
CA THR A 187 3.39 -1.49 6.53
C THR A 187 2.84 -1.44 7.97
N GLU A 188 3.48 -2.13 8.92
CA GLU A 188 3.04 -2.14 10.32
C GLU A 188 3.01 -0.72 10.92
N MET A 189 2.00 -0.47 11.75
CA MET A 189 1.75 0.87 12.31
C MET A 189 2.80 1.26 13.34
N THR A 190 3.19 0.30 14.18
CA THR A 190 4.14 0.53 15.28
C THR A 190 5.57 0.91 14.81
N LYS A 191 5.94 0.52 13.59
CA LYS A 191 7.25 0.89 13.00
C LYS A 191 7.22 2.16 12.14
N HIS A 192 6.17 2.98 12.25
CA HIS A 192 5.99 4.15 11.35
C HIS A 192 7.18 5.09 11.31
N PHE A 193 7.53 5.65 12.47
CA PHE A 193 8.56 6.69 12.58
C PHE A 193 9.99 6.19 12.37
N GLU A 194 10.22 4.90 12.60
CA GLU A 194 11.50 4.26 12.30
C GLU A 194 11.79 4.34 10.80
N HIS A 195 10.80 3.98 9.99
CA HIS A 195 10.94 3.95 8.53
C HIS A 195 10.94 5.35 7.89
N VAL A 196 10.27 6.32 8.51
CA VAL A 196 10.32 7.71 8.06
C VAL A 196 11.68 8.32 8.36
N ASN A 197 12.15 8.16 9.60
CA ASN A 197 13.45 8.70 10.01
C ASN A 197 14.60 8.12 9.19
N LYS A 198 14.57 6.81 8.97
CA LYS A 198 15.57 6.13 8.13
C LYS A 198 15.62 6.67 6.70
N PHE A 199 14.46 6.99 6.13
CA PHE A 199 14.37 7.51 4.77
C PHE A 199 14.98 8.91 4.66
N VAL A 200 14.60 9.80 5.56
CA VAL A 200 15.07 11.19 5.54
C VAL A 200 16.58 11.28 5.82
N ASN A 201 17.03 10.56 6.84
CA ASN A 201 18.45 10.55 7.25
C ASN A 201 19.43 9.99 6.21
N SER A 202 19.00 8.98 5.47
CA SER A 202 19.87 8.27 4.53
C SER A 202 19.64 8.60 3.05
N ILE A 203 18.53 9.24 2.71
CA ILE A 203 18.22 9.58 1.32
C ILE A 203 18.09 11.09 1.13
N ASN A 204 17.10 11.70 1.78
CA ASN A 204 16.83 13.15 1.61
C ASN A 204 17.99 14.04 2.03
N LYS A 205 18.48 13.85 3.26
CA LYS A 205 19.58 14.68 3.78
C LYS A 205 20.89 14.53 2.99
N PRO A 206 21.33 13.27 2.70
CA PRO A 206 22.53 13.10 1.86
C PRO A 206 22.36 13.55 0.40
N LEU A 207 21.17 13.36 -0.18
CA LEU A 207 20.87 13.89 -1.52
C LEU A 207 20.87 15.43 -1.51
N ALA A 208 20.34 16.02 -0.44
CA ALA A 208 20.37 17.47 -0.26
C ALA A 208 21.79 18.00 -0.06
N THR A 209 22.63 17.22 0.64
CA THR A 209 24.06 17.54 0.80
C THR A 209 24.77 17.54 -0.55
N LEU A 210 24.49 16.55 -1.38
CA LEU A 210 25.10 16.42 -2.72
C LEU A 210 24.67 17.53 -3.71
N GLU A 211 23.51 18.15 -3.48
CA GLU A 211 23.07 19.31 -4.27
C GLU A 211 23.77 20.63 -3.90
N GLU A 212 24.75 20.60 -2.98
CA GLU A 212 25.65 21.74 -2.72
C GLU A 212 26.49 22.10 -3.95
N ASN A 213 26.91 21.06 -4.71
CA ASN A 213 27.69 21.24 -5.93
C ASN A 213 26.80 21.61 -7.11
N GLY A 214 25.66 20.92 -7.22
CA GLY A 214 24.66 21.19 -8.25
C GLY A 214 24.41 19.98 -9.13
N GLU A 215 24.90 20.04 -10.37
CA GLU A 215 24.61 19.03 -11.39
C GLU A 215 25.89 18.62 -12.16
N THR A 216 26.95 18.35 -11.41
CA THR A 216 28.23 17.94 -12.01
C THR A 216 28.16 16.47 -12.42
N ASP A 217 28.91 16.11 -13.46
CA ASP A 217 28.90 14.75 -14.03
C ASP A 217 29.50 13.72 -13.07
N LYS A 218 30.59 14.08 -12.42
CA LYS A 218 31.20 13.26 -11.36
C LYS A 218 30.30 13.16 -10.13
N ASN A 219 29.63 14.27 -9.81
CA ASN A 219 28.70 14.35 -8.69
C ASN A 219 27.38 13.59 -8.92
N GLN A 220 26.90 13.58 -10.17
CA GLN A 220 25.66 12.86 -10.53
C GLN A 220 25.83 11.35 -10.41
N GLU A 221 26.99 10.84 -10.84
CA GLU A 221 27.31 9.42 -10.69
C GLU A 221 27.51 9.02 -9.23
N VAL A 222 28.00 9.94 -8.40
CA VAL A 222 28.05 9.74 -6.94
C VAL A 222 26.62 9.70 -6.36
N ILE A 223 25.76 10.59 -6.83
CA ILE A 223 24.34 10.59 -6.45
C ILE A 223 23.62 9.31 -6.92
N ASN A 224 24.03 8.80 -8.08
CA ASN A 224 23.55 7.51 -8.57
C ASN A 224 24.09 6.35 -7.73
N THR A 225 25.38 6.39 -7.42
CA THR A 225 26.07 5.34 -6.65
C THR A 225 25.45 5.13 -5.26
N MET A 226 25.24 6.24 -4.55
CA MET A 226 24.78 6.21 -3.16
C MET A 226 23.34 5.70 -3.02
N LEU A 227 22.44 6.24 -3.84
CA LEU A 227 21.01 5.89 -3.78
C LEU A 227 20.73 4.43 -4.21
N ARG A 228 21.40 4.00 -5.28
CA ARG A 228 21.13 2.68 -5.89
C ARG A 228 21.64 1.47 -5.08
N THR A 229 22.34 1.69 -3.96
CA THR A 229 22.86 0.60 -3.12
C THR A 229 21.75 -0.29 -2.57
N PRO A 230 22.05 -1.59 -2.32
CA PRO A 230 21.07 -2.54 -1.77
C PRO A 230 20.30 -2.05 -0.53
N GLU A 231 21.00 -1.35 0.36
CA GLU A 231 20.40 -0.86 1.61
C GLU A 231 19.45 0.30 1.34
N ASN A 232 19.89 1.28 0.55
CA ASN A 232 19.08 2.46 0.23
C ASN A 232 17.87 2.18 -0.68
N ARG A 233 17.93 1.11 -1.47
CA ARG A 233 16.78 0.68 -2.28
C ARG A 233 15.69 0.07 -1.41
N THR A 234 16.11 -0.71 -0.40
CA THR A 234 15.19 -1.26 0.60
C THR A 234 14.42 -0.16 1.35
N LEU A 235 15.10 0.95 1.65
CA LEU A 235 14.48 2.09 2.36
C LEU A 235 13.45 2.83 1.49
N ILE A 236 13.74 2.92 0.20
CA ILE A 236 12.81 3.52 -0.78
C ILE A 236 11.61 2.59 -0.99
N LYS A 237 11.86 1.27 -0.98
CA LYS A 237 10.79 0.28 -1.03
C LYS A 237 9.87 0.35 0.19
N ARG A 238 10.46 0.50 1.37
CA ARG A 238 9.69 0.71 2.60
C ARG A 238 8.90 2.03 2.58
N MET A 239 9.48 3.08 2.03
CA MET A 239 8.83 4.39 1.96
C MET A 239 7.71 4.42 0.91
N LEU A 240 7.93 3.76 -0.23
CA LEU A 240 6.95 3.70 -1.32
C LEU A 240 5.69 2.91 -0.91
N ILE A 241 5.89 1.76 -0.26
CA ILE A 241 4.77 0.91 0.21
C ILE A 241 4.02 1.57 1.37
N LYS A 242 4.74 2.31 2.21
CA LYS A 242 4.11 3.07 3.30
C LYS A 242 3.26 4.24 2.78
N CYS A 243 3.78 4.96 1.79
CA CYS A 243 3.05 6.06 1.17
C CYS A 243 1.85 5.56 0.37
N ALA A 244 2.07 4.54 -0.46
CA ALA A 244 0.99 3.95 -1.29
C ALA A 244 -0.16 3.38 -0.45
N ASP A 245 0.18 2.74 0.67
CA ASP A 245 -0.82 2.17 1.58
C ASP A 245 -1.78 3.23 2.12
N VAL A 246 -1.23 4.36 2.54
CA VAL A 246 -2.00 5.45 3.16
C VAL A 246 -2.07 6.69 2.24
N SER A 247 -2.29 6.46 0.95
CA SER A 247 -2.34 7.53 -0.04
C SER A 247 -3.71 8.21 -0.18
N ASN A 248 -4.71 7.73 0.56
CA ASN A 248 -6.09 8.26 0.44
C ASN A 248 -6.30 9.75 0.79
N PRO A 249 -5.52 10.29 1.76
CA PRO A 249 -5.61 11.74 1.99
C PRO A 249 -5.02 12.59 0.85
N CYS A 250 -4.14 12.00 0.03
CA CYS A 250 -3.63 12.65 -1.19
C CYS A 250 -4.43 12.32 -2.47
N ARG A 251 -5.67 11.86 -2.33
CA ARG A 251 -6.54 11.57 -3.49
C ARG A 251 -7.47 12.75 -3.78
N PRO A 252 -8.14 12.73 -4.95
CA PRO A 252 -9.27 13.62 -5.22
C PRO A 252 -10.32 13.60 -4.10
N LEU A 253 -10.90 14.77 -3.84
CA LEU A 253 -11.74 15.00 -2.65
C LEU A 253 -12.79 13.92 -2.37
N GLN A 254 -13.51 13.50 -3.42
CA GLN A 254 -14.57 12.49 -3.28
C GLN A 254 -14.03 11.14 -2.79
N TYR A 255 -12.89 10.73 -3.31
CA TYR A 255 -12.29 9.44 -2.95
C TYR A 255 -11.69 9.48 -1.53
N CYS A 256 -11.05 10.60 -1.20
CA CYS A 256 -10.61 10.87 0.18
C CYS A 256 -11.74 10.72 1.20
N ILE A 257 -12.90 11.33 0.91
CA ILE A 257 -14.05 11.27 1.81
C ILE A 257 -14.63 9.85 1.87
N GLU A 258 -14.67 9.16 0.73
CA GLU A 258 -15.15 7.77 0.70
C GLU A 258 -14.23 6.85 1.49
N TRP A 259 -12.91 6.99 1.30
CA TRP A 259 -11.93 6.24 2.08
C TRP A 259 -11.94 6.61 3.57
N ALA A 260 -12.23 7.87 3.87
CA ALA A 260 -12.35 8.35 5.26
C ALA A 260 -13.50 7.69 6.02
N ALA A 261 -14.63 7.50 5.33
CA ALA A 261 -15.81 6.85 5.92
C ALA A 261 -15.58 5.37 6.18
N ARG A 262 -14.98 4.69 5.20
CA ARG A 262 -14.75 3.23 5.25
C ARG A 262 -13.86 2.82 6.42
N ILE A 263 -12.70 3.45 6.53
CA ILE A 263 -11.77 3.20 7.63
C ILE A 263 -12.37 3.61 9.00
N SER A 264 -13.18 4.67 9.01
CA SER A 264 -13.84 5.11 10.25
C SER A 264 -14.94 4.13 10.68
N GLU A 265 -15.80 3.73 9.75
CA GLU A 265 -16.81 2.68 9.99
C GLU A 265 -16.18 1.41 10.57
N GLU A 266 -15.02 1.03 10.04
CA GLU A 266 -14.28 -0.14 10.47
C GLU A 266 -13.79 -0.03 11.92
N TYR A 267 -13.33 1.16 12.32
CA TYR A 267 -12.91 1.40 13.71
C TYR A 267 -14.06 1.55 14.70
N PHE A 268 -15.21 2.02 14.23
CA PHE A 268 -16.41 2.08 15.07
C PHE A 268 -16.91 0.66 15.36
N SER A 269 -16.91 -0.19 14.32
CA SER A 269 -17.31 -1.59 14.45
C SER A 269 -16.43 -2.38 15.42
N GLN A 270 -15.12 -2.10 15.42
CA GLN A 270 -14.20 -2.69 16.39
C GLN A 270 -14.53 -2.21 17.80
N THR A 271 -14.68 -0.90 17.95
CA THR A 271 -14.98 -0.26 19.24
C THR A 271 -16.29 -0.76 19.85
N ASP A 272 -17.32 -0.90 19.01
CA ASP A 272 -18.59 -1.51 19.43
C ASP A 272 -18.43 -2.97 19.88
N GLU A 273 -17.56 -3.71 19.20
CA GLU A 273 -17.24 -5.09 19.59
C GLU A 273 -16.40 -5.15 20.88
N GLU A 274 -15.44 -4.22 21.00
CA GLU A 274 -14.55 -4.15 22.17
C GLU A 274 -15.29 -3.93 23.50
N LYS A 275 -16.29 -3.06 23.49
CA LYS A 275 -17.15 -2.84 24.67
C LYS A 275 -18.12 -4.00 24.91
N GLN A 276 -18.62 -4.61 23.83
CA GLN A 276 -19.53 -5.77 23.92
C GLN A 276 -18.84 -6.97 24.60
N GLN A 277 -17.64 -7.32 24.13
CA GLN A 277 -16.91 -8.49 24.64
C GLN A 277 -16.09 -8.24 25.92
N GLY A 278 -16.11 -7.01 26.43
CA GLY A 278 -15.36 -6.66 27.64
C GLY A 278 -13.86 -6.55 27.42
N LEU A 279 -13.46 -6.11 26.23
CA LEU A 279 -12.05 -5.90 25.88
C LEU A 279 -11.61 -4.49 26.30
N PRO A 280 -10.31 -4.29 26.51
CA PRO A 280 -9.80 -2.93 26.77
C PRO A 280 -9.81 -2.11 25.48
N VAL A 281 -10.21 -0.84 25.60
CA VAL A 281 -10.47 0.01 24.44
C VAL A 281 -9.15 0.62 23.92
N VAL A 282 -8.64 0.07 22.82
CA VAL A 282 -7.35 0.48 22.24
C VAL A 282 -7.42 1.81 21.47
N MET A 283 -8.54 2.03 20.77
CA MET A 283 -8.77 3.25 20.00
C MET A 283 -10.08 3.89 20.47
N PRO A 284 -10.05 4.53 21.66
CA PRO A 284 -11.27 5.07 22.27
C PRO A 284 -11.90 6.25 21.53
N VAL A 285 -11.06 7.10 20.92
CA VAL A 285 -11.53 8.23 20.11
C VAL A 285 -12.40 7.83 18.92
N PHE A 286 -12.16 6.64 18.37
CA PHE A 286 -12.95 6.11 17.24
C PHE A 286 -14.15 5.31 17.72
N ASP A 287 -15.13 6.01 18.30
CA ASP A 287 -16.44 5.45 18.61
C ASP A 287 -17.45 6.20 17.75
N ARG A 288 -18.38 5.47 17.15
CA ARG A 288 -19.45 6.09 16.33
C ARG A 288 -20.26 7.16 17.06
N ASN A 289 -20.42 7.01 18.37
CA ASN A 289 -21.21 7.94 19.19
C ASN A 289 -20.47 9.18 19.69
N THR A 290 -19.16 9.27 19.49
CA THR A 290 -18.37 10.46 19.88
C THR A 290 -17.34 11.00 18.86
N CYS A 291 -17.10 10.27 17.77
CA CYS A 291 -16.01 10.61 16.85
C CYS A 291 -16.43 11.62 15.79
N SER A 292 -15.71 12.75 15.72
CA SER A 292 -15.81 13.68 14.60
C SER A 292 -14.82 13.20 13.54
N ILE A 293 -15.35 12.75 12.39
CA ILE A 293 -14.52 12.25 11.31
C ILE A 293 -13.65 13.35 10.67
N PRO A 294 -14.21 14.57 10.46
CA PRO A 294 -13.38 15.68 9.95
C PRO A 294 -12.21 16.07 10.85
N LYS A 295 -12.45 16.14 12.16
CA LYS A 295 -11.39 16.40 13.14
C LYS A 295 -10.40 15.23 13.25
N SER A 296 -10.94 14.01 13.22
CA SER A 296 -10.12 12.79 13.27
C SER A 296 -9.18 12.67 12.07
N GLN A 297 -9.67 13.02 10.88
CA GLN A 297 -8.83 13.00 9.66
C GLN A 297 -7.71 14.07 9.70
N ILE A 298 -8.02 15.24 10.25
CA ILE A 298 -7.02 16.29 10.46
C ILE A 298 -5.89 15.80 11.38
N SER A 299 -6.27 15.14 12.48
CA SER A 299 -5.28 14.58 13.42
C SER A 299 -4.44 13.48 12.78
N PHE A 300 -5.11 12.60 12.04
CA PHE A 300 -4.44 11.54 11.27
C PHE A 300 -3.41 12.12 10.30
N ILE A 301 -3.85 13.10 9.51
CA ILE A 301 -2.99 13.79 8.55
C ILE A 301 -1.82 14.51 9.24
N ASP A 302 -2.10 15.20 10.35
CA ASP A 302 -1.06 15.86 11.14
C ASP A 302 0.01 14.90 11.63
N TYR A 303 -0.43 13.78 12.21
CA TYR A 303 0.46 12.85 12.90
C TYR A 303 1.30 11.99 11.96
N PHE A 304 0.64 11.36 10.98
CA PHE A 304 1.28 10.37 10.09
C PHE A 304 1.66 10.92 8.70
N ILE A 305 0.73 11.61 8.06
CA ILE A 305 0.79 11.88 6.62
C ILE A 305 1.76 13.02 6.27
N THR A 306 1.60 14.17 6.93
CA THR A 306 2.24 15.42 6.52
C THR A 306 3.77 15.37 6.44
N ASP A 307 4.39 14.72 7.42
CA ASP A 307 5.85 14.56 7.44
C ASP A 307 6.30 13.48 6.45
N MET A 308 5.55 12.39 6.36
CA MET A 308 5.89 11.24 5.50
C MET A 308 5.85 11.61 4.02
N PHE A 309 4.72 12.16 3.58
CA PHE A 309 4.56 12.58 2.18
C PHE A 309 5.41 13.80 1.81
N ASP A 310 5.72 14.66 2.78
CA ASP A 310 6.68 15.75 2.55
C ASP A 310 8.07 15.18 2.22
N ALA A 311 8.53 14.24 3.04
CA ALA A 311 9.79 13.54 2.81
C ALA A 311 9.80 12.80 1.46
N TRP A 312 8.68 12.15 1.15
CA TRP A 312 8.51 11.38 -0.09
C TRP A 312 8.45 12.27 -1.31
N ASP A 313 7.69 13.37 -1.20
CA ASP A 313 7.54 14.37 -2.26
C ASP A 313 8.86 15.02 -2.67
N ALA A 314 9.66 15.40 -1.68
CA ALA A 314 10.98 16.00 -1.93
C ALA A 314 11.88 15.08 -2.77
N PHE A 315 11.74 13.78 -2.56
CA PHE A 315 12.49 12.77 -3.32
C PHE A 315 11.93 12.58 -4.73
N VAL A 316 10.64 12.29 -4.83
CA VAL A 316 10.01 11.86 -6.09
C VAL A 316 9.45 13.02 -6.94
N ASP A 317 8.95 14.06 -6.26
CA ASP A 317 8.29 15.23 -6.87
C ASP A 317 6.85 14.89 -7.26
N LEU A 318 5.92 15.25 -6.38
CA LEU A 318 4.52 14.85 -6.47
C LEU A 318 3.59 16.07 -6.30
N PRO A 319 3.65 17.02 -7.26
CA PRO A 319 2.84 18.24 -7.17
C PRO A 319 1.33 18.02 -7.10
N ASP A 320 0.85 16.97 -7.79
CA ASP A 320 -0.59 16.66 -7.83
C ASP A 320 -1.08 16.10 -6.49
N LEU A 321 -0.30 15.18 -5.91
CA LEU A 321 -0.63 14.56 -4.61
C LEU A 321 -0.67 15.57 -3.47
N MET A 322 0.34 16.43 -3.40
CA MET A 322 0.46 17.43 -2.33
C MET A 322 -0.57 18.55 -2.45
N GLN A 323 -0.97 18.88 -3.69
CA GLN A 323 -2.06 19.84 -3.91
C GLN A 323 -3.41 19.27 -3.47
N HIS A 324 -3.61 17.97 -3.63
CA HIS A 324 -4.79 17.28 -3.07
C HIS A 324 -4.73 17.25 -1.54
N LEU A 325 -3.54 16.97 -1.00
CA LEU A 325 -3.32 16.99 0.46
C LEU A 325 -3.64 18.36 1.08
N ASP A 326 -3.38 19.45 0.34
CA ASP A 326 -3.75 20.79 0.78
C ASP A 326 -5.26 21.03 0.68
N ASN A 327 -5.87 20.62 -0.44
CA ASN A 327 -7.30 20.80 -0.68
C ASN A 327 -8.17 19.96 0.27
N ASN A 328 -7.78 18.70 0.46
CA ASN A 328 -8.49 17.78 1.37
C ASN A 328 -8.38 18.21 2.84
N PHE A 329 -7.20 18.66 3.25
CA PHE A 329 -7.00 19.18 4.61
C PHE A 329 -7.86 20.41 4.86
N LYS A 330 -7.90 21.31 3.89
CA LYS A 330 -8.76 22.51 3.95
C LYS A 330 -10.26 22.20 3.95
N TYR A 331 -10.68 21.13 3.26
CA TYR A 331 -12.07 20.69 3.30
C TYR A 331 -12.48 20.17 4.68
N TRP A 332 -11.66 19.30 5.26
CA TRP A 332 -11.92 18.76 6.60
C TRP A 332 -12.00 19.88 7.64
N LYS A 333 -11.12 20.88 7.52
CA LYS A 333 -11.16 22.10 8.35
C LYS A 333 -12.48 22.88 8.21
N GLY A 334 -12.96 23.00 6.97
CA GLY A 334 -14.20 23.74 6.70
C GLY A 334 -15.52 23.13 7.13
N LEU A 335 -15.50 21.85 7.54
CA LEU A 335 -16.72 21.15 7.98
C LEU A 335 -17.15 21.38 9.45
N ASP A 336 -16.39 22.18 10.20
CA ASP A 336 -16.79 22.53 11.57
C ASP A 336 -18.08 23.36 11.55
N GLU A 337 -18.04 24.47 10.82
CA GLU A 337 -19.22 25.32 10.57
C GLU A 337 -19.91 25.83 11.86
N MET A 338 -19.13 26.03 12.90
CA MET A 338 -19.63 26.37 14.24
C MET A 338 -18.71 27.38 14.93
ZN ZN B . -2.91 -1.61 4.38
MG MG C . -2.05 -3.51 6.81
C2 7ZZ D . -7.26 6.81 9.74
C4 7ZZ D . -6.29 5.33 8.22
C5 7ZZ D . -6.65 6.14 7.20
C6 7ZZ D . -7.31 7.26 7.47
N9 7ZZ D . -5.65 4.29 7.72
FAU 7ZZ D . 2.02 1.78 8.85
CAT 7ZZ D . 1.54 3.08 8.94
FAV 7ZZ D . 1.92 3.63 10.14
CAS 7ZZ D . 0.02 3.04 8.87
OAR 7ZZ D . -0.51 4.28 9.37
CAP 7ZZ D . -1.78 4.12 9.81
CAQ 7ZZ D . -2.79 3.72 8.93
CAO 7ZZ D . -2.08 4.36 11.15
CAN 7ZZ D . -3.38 4.20 11.63
OAW 7ZZ D . -3.64 4.42 12.95
CAY 7ZZ D . -4.55 5.47 13.33
FAZ 7ZZ D . -4.40 6.48 12.57
FBA 7ZZ D . -5.82 5.04 13.25
CAM 7ZZ D . -4.38 3.79 10.74
CAL 7ZZ D . -4.10 3.56 9.40
CAK 7ZZ D . -5.09 3.15 8.49
C8 7ZZ D . -5.62 4.43 6.39
N7 7ZZ D . -6.23 5.57 6.08
N3 7ZZ D . -6.60 5.66 9.49
CL2 7ZZ D . -7.63 7.20 11.35
N1 7ZZ D . -7.62 7.61 8.72
N6 7ZZ D . -7.63 8.02 6.43
#